data_5DUP
#
_entry.id   5DUP
#
_cell.length_a   132.664
_cell.length_b   132.664
_cell.length_c   87.957
_cell.angle_alpha   90.00
_cell.angle_beta   90.00
_cell.angle_gamma   120.00
#
_symmetry.space_group_name_H-M   'P 6'
#
loop_
_entity.id
_entity.type
_entity.pdbx_description
1 polymer Hemagglutinin
2 polymer 'AVFluIgG03 Heavy Chain'
3 polymer 'AVFluIgG03 Light Chain'
#
loop_
_entity_poly.entity_id
_entity_poly.type
_entity_poly.pdbx_seq_one_letter_code
_entity_poly.pdbx_strand_id
1 'polypeptide(L)'
;ADPDGVKPLILRDCSVAGWLLGNPMCDEFINVPEWSYIVEKANPANDLCYPGNFNDYEELKHLLSRINHFEKIQIIPKSS
WSDHEASSGVSSACPYQGTPSFFRNVVWLIKKNNTYPTIKRSYNNTNQEDLLILWGIHHSNDAAEQTKLYQNPTTYISVG
TSTLNQRLVPKIATRSKVNGQSGRMDFFWTILKPNDAINFESNGNFIAPEYAYKIVKKGDSAIVKSEHHHHHH
;
A
2 'polypeptide(L)'
;EVQLLESGGGLVQPGGSLRVSCTNSGFTFSNYAMSWVRQAPGKGLEWVSAISGNGGSGTYYADSVKGRFTISRDNSKNTM
YLQMNSLRAEDTAVYYCVRDDSYDGGGHYGLHNWFDSWGQGTLVTVSSSTKGPSVFPLAPSSKSTSGGTAALGCLVKDYF
PEPVTVSWNSGALTSGVHTFPAVLQSSGLYSLSSVVTVPSSSLGTQTYICNVNHKPSNTKVDKKVEPKSCDKTS
;
H
3 'polypeptide(L)'
;SVLTQPPSVSGAPGQRVTISCTGSSSNIGAGYDVHWYQQLPGTAPKLLIYGNSNRPSGVPDRFSGSKSGTSASLAITGLQ
AEDEADYYCQSYDSSVVVFGGGTKLEIKGTVAAPSVFIFPPSDEQLKSGTASVVCLLNNFYPREAKVQWKVDNALQSGNS
QESVTEQDSKDSTYSLSSTLTLSKADYEKHKVYACEVTHQGLSSPVTKSFNRGEC
;
L
#
# COMPACT_ATOMS: atom_id res chain seq x y z
N ARG A 12 15.76 -4.70 38.69
CA ARG A 12 14.62 -5.31 39.36
C ARG A 12 14.34 -6.70 38.79
N ASP A 13 13.83 -6.77 37.56
CA ASP A 13 13.80 -8.05 36.84
C ASP A 13 14.97 -8.25 35.88
N CYS A 14 15.74 -7.18 35.66
CA CYS A 14 16.67 -7.05 34.54
C CYS A 14 18.10 -7.52 34.82
N SER A 15 19.05 -7.16 33.95
CA SER A 15 20.44 -7.56 34.18
C SER A 15 21.37 -6.50 34.72
N VAL A 16 22.07 -5.81 33.81
CA VAL A 16 22.86 -4.62 34.14
C VAL A 16 22.73 -3.59 33.02
N ALA A 17 23.38 -3.95 31.92
CA ALA A 17 23.54 -3.08 30.76
C ALA A 17 22.21 -2.65 30.21
N GLY A 18 21.44 -3.62 29.75
CA GLY A 18 20.14 -3.35 29.16
C GLY A 18 19.32 -2.45 30.05
N TRP A 19 19.45 -2.63 31.36
CA TRP A 19 18.72 -1.83 32.33
C TRP A 19 19.10 -0.36 32.23
N LEU A 20 20.37 -0.12 31.88
CA LEU A 20 20.87 1.21 31.59
C LEU A 20 20.37 1.67 30.24
N LEU A 21 20.71 0.91 29.20
CA LEU A 21 20.16 1.10 27.86
C LEU A 21 18.63 1.22 27.89
N GLY A 22 18.03 0.58 28.89
CA GLY A 22 16.62 0.72 29.21
C GLY A 22 15.71 -0.43 28.82
N ASN A 23 16.05 -1.18 27.78
CA ASN A 23 15.56 -2.54 27.58
C ASN A 23 14.10 -2.79 27.98
N PRO A 24 13.13 -2.46 27.12
CA PRO A 24 11.73 -2.28 27.49
C PRO A 24 11.17 -3.40 28.39
N MET A 25 11.89 -4.52 28.45
CA MET A 25 11.49 -5.69 29.22
C MET A 25 11.79 -5.58 30.72
N CYS A 26 12.38 -4.47 31.14
CA CYS A 26 12.67 -4.27 32.56
C CYS A 26 12.57 -2.83 33.05
N ASP A 27 11.87 -2.64 34.18
CA ASP A 27 11.69 -1.33 34.78
C ASP A 27 12.21 -1.32 36.22
N GLU A 40 24.34 -6.70 41.82
CA GLU A 40 24.04 -7.15 40.46
C GLU A 40 22.80 -8.05 40.42
N LYS A 41 22.69 -8.82 39.34
CA LYS A 41 21.77 -9.93 39.27
C LYS A 41 22.64 -11.06 38.77
N ALA A 42 22.48 -12.26 39.32
CA ALA A 42 23.45 -13.31 39.04
C ALA A 42 23.52 -13.66 37.57
N ASN A 43 22.58 -14.48 37.11
CA ASN A 43 22.40 -14.69 35.69
C ASN A 43 20.96 -14.35 35.30
N PRO A 44 20.81 -13.20 34.60
CA PRO A 44 19.56 -12.48 34.39
C PRO A 44 18.73 -13.04 33.28
N ALA A 45 17.43 -12.76 33.28
CA ALA A 45 16.61 -13.12 32.13
C ALA A 45 16.92 -12.21 30.95
N ASN A 46 16.79 -10.90 31.17
CA ASN A 46 17.02 -9.94 30.10
C ASN A 46 18.30 -9.13 30.29
N ASP A 47 19.29 -9.39 29.44
CA ASP A 47 20.41 -8.47 29.35
C ASP A 47 20.20 -7.62 28.11
N LEU A 48 20.54 -8.17 26.94
CA LEU A 48 20.43 -7.38 25.72
C LEU A 48 19.38 -7.96 24.78
N CYS A 49 18.25 -7.27 24.70
CA CYS A 49 17.10 -7.76 23.97
C CYS A 49 17.36 -7.88 22.48
N TYR A 50 18.11 -6.93 21.93
CA TYR A 50 18.65 -7.08 20.59
C TYR A 50 20.02 -7.70 20.69
N PRO A 51 20.35 -8.63 19.77
CA PRO A 51 21.66 -9.28 19.76
C PRO A 51 22.83 -8.33 19.44
N GLY A 52 24.02 -8.90 19.29
CA GLY A 52 25.20 -8.09 19.12
C GLY A 52 26.09 -8.11 20.33
N ASN A 53 27.29 -7.59 20.18
CA ASN A 53 28.28 -7.67 21.24
C ASN A 53 27.94 -6.75 22.40
N PHE A 54 28.75 -6.83 23.45
CA PHE A 54 28.91 -5.72 24.34
C PHE A 54 30.38 -5.55 24.57
N ASN A 55 30.84 -4.36 24.23
CA ASN A 55 32.22 -4.04 24.33
C ASN A 55 32.58 -3.66 25.75
N ASP A 56 33.57 -4.38 26.31
CA ASP A 56 34.19 -4.07 27.61
C ASP A 56 33.19 -3.99 28.78
N TYR A 57 32.39 -5.04 28.94
CA TYR A 57 31.46 -5.13 30.05
C TYR A 57 32.19 -5.07 31.36
N GLU A 58 33.13 -6.01 31.49
CA GLU A 58 33.90 -6.28 32.70
C GLU A 58 34.43 -5.02 33.38
N GLU A 59 35.27 -4.29 32.65
CA GLU A 59 35.92 -3.06 33.13
C GLU A 59 34.96 -2.12 33.84
N LEU A 60 33.94 -1.67 33.11
CA LEU A 60 32.90 -0.84 33.68
C LEU A 60 32.29 -1.40 34.98
N LYS A 61 32.03 -2.71 35.03
CA LYS A 61 31.37 -3.33 36.18
C LYS A 61 32.02 -2.96 37.50
N HIS A 62 33.34 -2.91 37.47
CA HIS A 62 34.12 -2.70 38.67
C HIS A 62 33.81 -1.37 39.32
N LEU A 63 34.02 -0.28 38.58
CA LEU A 63 33.80 1.05 39.15
C LEU A 63 32.38 1.50 38.91
N LEU A 64 31.58 0.58 38.37
CA LEU A 64 30.14 0.82 38.22
C LEU A 64 29.47 0.81 39.59
N SER A 65 29.92 -0.08 40.46
CA SER A 65 29.58 0.04 41.85
C SER A 65 30.58 1.08 42.39
N ARG A 66 30.68 1.23 43.70
CA ARG A 66 31.40 2.34 44.30
C ARG A 66 30.73 3.64 43.87
N ILE A 67 29.40 3.65 43.83
CA ILE A 67 28.63 4.86 43.56
C ILE A 67 27.58 5.03 44.63
N ASN A 68 27.74 6.05 45.47
CA ASN A 68 26.83 6.26 46.58
C ASN A 68 25.73 7.25 46.26
N HIS A 69 25.74 7.77 45.03
CA HIS A 69 24.77 8.78 44.61
C HIS A 69 24.37 8.60 43.15
N PHE A 70 23.06 8.57 42.87
CA PHE A 70 22.64 8.35 41.49
C PHE A 70 21.30 8.99 41.08
N GLU A 71 21.24 9.47 39.85
CA GLU A 71 20.01 10.00 39.26
C GLU A 71 20.18 9.98 37.73
N LYS A 72 19.08 10.00 36.97
CA LYS A 72 19.18 10.04 35.50
C LYS A 72 18.58 11.32 34.86
N ILE A 73 19.28 11.88 33.87
CA ILE A 73 18.82 13.09 33.15
C ILE A 73 19.10 13.04 31.64
N GLN A 74 18.37 13.85 30.89
CA GLN A 74 18.49 13.87 29.43
C GLN A 74 19.70 14.65 28.97
N ILE A 75 20.13 14.39 27.74
CA ILE A 75 21.13 15.22 27.09
C ILE A 75 20.62 15.61 25.68
N ILE A 76 20.41 14.61 24.82
CA ILE A 76 19.86 14.79 23.48
C ILE A 76 18.46 14.17 23.34
N PRO A 77 17.41 15.00 23.22
CA PRO A 77 16.09 14.44 22.89
C PRO A 77 16.02 14.00 21.42
N LYS A 78 15.00 13.24 21.05
CA LYS A 78 14.83 12.83 19.66
C LYS A 78 14.41 14.01 18.80
N SER A 79 14.15 15.14 19.45
CA SER A 79 13.62 16.28 18.74
C SER A 79 14.75 17.17 18.23
N SER A 80 15.98 16.76 18.51
CA SER A 80 17.13 17.53 18.10
C SER A 80 17.43 17.31 16.63
N TRP A 81 16.96 16.19 16.10
CA TRP A 81 17.23 15.83 14.71
C TRP A 81 16.07 16.12 13.79
N SER A 82 16.23 17.10 12.92
CA SER A 82 15.26 17.35 11.87
C SER A 82 15.66 16.71 10.56
N ASP A 83 16.90 16.25 10.48
CA ASP A 83 17.43 15.76 9.22
C ASP A 83 17.44 14.24 9.10
N HIS A 84 16.91 13.56 10.11
CA HIS A 84 16.86 12.12 10.11
C HIS A 84 15.55 11.65 10.73
N GLU A 85 15.20 10.39 10.53
CA GLU A 85 13.96 9.86 11.06
C GLU A 85 14.20 9.27 12.44
N ALA A 86 13.65 9.93 13.46
CA ALA A 86 13.97 9.64 14.86
C ALA A 86 13.29 8.40 15.42
N SER A 87 11.98 8.45 15.63
CA SER A 87 11.40 7.30 16.29
C SER A 87 11.07 6.31 15.19
N SER A 88 11.97 5.34 15.07
CA SER A 88 11.93 4.36 13.99
C SER A 88 12.21 2.95 14.46
N GLY A 89 13.45 2.71 14.87
CA GLY A 89 13.81 1.39 15.34
C GLY A 89 13.14 1.03 16.66
N VAL A 90 12.31 -0.01 16.58
CA VAL A 90 11.75 -0.73 17.72
C VAL A 90 11.53 -2.11 17.12
N SER A 91 11.77 -3.20 17.84
CA SER A 91 11.67 -4.52 17.19
C SER A 91 10.90 -5.60 17.94
N SER A 92 10.60 -6.68 17.21
CA SER A 92 10.04 -7.88 17.82
C SER A 92 10.96 -8.39 18.90
N ALA A 93 12.26 -8.13 18.76
CA ALA A 93 13.25 -8.59 19.71
C ALA A 93 13.21 -7.77 21.00
N CYS A 94 12.71 -6.54 20.91
CA CYS A 94 12.53 -5.69 22.09
C CYS A 94 11.09 -5.21 22.26
N PRO A 95 10.13 -6.12 22.52
CA PRO A 95 8.79 -5.63 22.81
C PRO A 95 8.55 -5.21 24.26
N TYR A 96 7.55 -4.35 24.46
CA TYR A 96 7.06 -4.06 25.80
C TYR A 96 5.57 -4.43 25.85
N GLN A 97 5.28 -5.49 26.62
CA GLN A 97 3.95 -6.06 26.68
C GLN A 97 3.42 -6.39 25.30
N GLY A 98 4.21 -7.12 24.52
CA GLY A 98 3.77 -7.63 23.24
C GLY A 98 3.89 -6.65 22.09
N THR A 99 4.31 -5.42 22.41
CA THR A 99 4.47 -4.41 21.38
C THR A 99 5.92 -4.01 21.24
N PRO A 100 6.50 -4.21 20.05
CA PRO A 100 7.88 -3.83 19.73
C PRO A 100 8.28 -2.41 20.14
N SER A 101 9.43 -2.37 20.82
CA SER A 101 9.95 -1.17 21.48
C SER A 101 11.46 -1.25 21.38
N PHE A 102 12.18 -0.42 22.11
CA PHE A 102 13.63 -0.46 22.08
C PHE A 102 14.24 -0.05 23.43
N PHE A 103 15.56 -0.17 23.56
CA PHE A 103 16.22 0.27 24.76
C PHE A 103 15.83 1.72 24.99
N ARG A 104 15.22 2.02 26.14
CA ARG A 104 14.55 3.31 26.31
C ARG A 104 15.48 4.47 26.04
N ASN A 105 16.66 4.38 26.62
CA ASN A 105 17.64 5.45 26.61
C ASN A 105 18.48 5.52 25.34
N VAL A 106 18.71 4.38 24.68
CA VAL A 106 19.37 4.43 23.38
C VAL A 106 18.38 4.76 22.27
N VAL A 107 18.88 5.35 21.20
CA VAL A 107 18.03 5.75 20.08
C VAL A 107 18.60 5.32 18.72
N TRP A 108 17.84 4.46 18.04
CA TRP A 108 18.22 3.86 16.78
C TRP A 108 17.78 4.73 15.63
N LEU A 109 18.72 5.19 14.83
CA LEU A 109 18.44 6.22 13.84
C LEU A 109 18.34 5.69 12.41
N ILE A 110 17.30 6.13 11.71
CA ILE A 110 17.04 5.69 10.36
C ILE A 110 17.10 6.88 9.41
N LYS A 111 17.41 6.62 8.14
CA LYS A 111 17.42 7.63 7.08
C LYS A 111 16.10 8.37 6.94
N LYS A 112 16.18 9.61 6.50
CA LYS A 112 15.01 10.42 6.28
C LYS A 112 14.87 10.76 4.81
N ASN A 113 13.68 10.63 4.25
CA ASN A 113 13.39 11.07 2.90
C ASN A 113 14.35 10.44 1.91
N ASN A 114 14.62 9.16 2.11
CA ASN A 114 15.62 8.42 1.35
C ASN A 114 17.02 8.98 1.52
N THR A 115 17.25 9.70 2.62
CA THR A 115 18.54 10.37 2.81
C THR A 115 19.05 10.40 4.29
N TYR A 116 20.32 10.02 4.45
CA TYR A 116 20.96 9.94 5.75
C TYR A 116 22.13 10.90 5.76
N PRO A 117 21.85 12.16 6.07
CA PRO A 117 22.93 13.14 6.14
C PRO A 117 23.89 12.78 7.28
N THR A 118 25.18 12.96 7.04
CA THR A 118 26.18 12.77 8.07
C THR A 118 25.79 13.57 9.29
N ILE A 119 25.88 12.94 10.46
CA ILE A 119 25.48 13.60 11.70
C ILE A 119 26.60 14.47 12.30
N LYS A 120 26.27 15.73 12.53
CA LYS A 120 27.14 16.61 13.30
C LYS A 120 26.42 17.02 14.59
N ARG A 121 26.88 16.47 15.71
CA ARG A 121 26.32 16.80 17.01
C ARG A 121 27.39 16.63 18.09
N SER A 122 27.37 17.53 19.08
CA SER A 122 28.35 17.52 20.16
C SER A 122 27.68 17.94 21.47
N TYR A 123 28.11 17.34 22.57
CA TYR A 123 27.56 17.69 23.88
C TYR A 123 28.67 18.06 24.85
N ASN A 124 28.71 19.34 25.25
CA ASN A 124 29.67 19.84 26.23
C ASN A 124 29.03 19.60 27.60
N ASN A 125 29.80 19.07 28.55
CA ASN A 125 29.23 18.75 29.85
C ASN A 125 29.42 19.97 30.72
N THR A 126 28.33 20.71 30.92
CA THR A 126 28.37 21.96 31.66
C THR A 126 28.21 21.71 33.14
N ASN A 127 27.71 20.52 33.45
CA ASN A 127 27.54 20.07 34.82
C ASN A 127 28.89 19.85 35.45
N GLN A 128 29.00 20.23 36.71
CA GLN A 128 30.27 20.19 37.42
C GLN A 128 30.41 18.79 37.99
N GLU A 129 29.42 17.97 37.64
CA GLU A 129 29.34 16.59 38.03
C GLU A 129 29.53 15.73 36.78
N ASP A 130 30.17 14.57 36.92
CA ASP A 130 30.60 13.80 35.75
C ASP A 130 29.45 13.12 35.00
N LEU A 131 29.75 12.47 33.88
CA LEU A 131 28.69 11.91 33.03
C LEU A 131 28.98 10.54 32.40
N LEU A 132 28.02 9.64 32.57
CA LEU A 132 28.06 8.32 32.00
C LEU A 132 27.43 8.24 30.60
N ILE A 133 28.23 7.81 29.63
CA ILE A 133 27.85 7.91 28.22
C ILE A 133 27.98 6.58 27.51
N LEU A 134 26.97 6.26 26.71
CA LEU A 134 26.96 5.05 25.89
C LEU A 134 26.20 5.26 24.59
N TRP A 135 26.50 4.40 23.62
CA TRP A 135 25.97 4.51 22.27
C TRP A 135 26.20 3.18 21.60
N GLY A 136 25.74 3.04 20.37
CA GLY A 136 25.74 1.72 19.78
C GLY A 136 25.83 1.68 18.29
N ILE A 137 26.29 0.55 17.78
CA ILE A 137 26.48 0.33 16.37
C ILE A 137 25.71 -0.91 15.87
N HIS A 138 24.93 -0.73 14.82
CA HIS A 138 24.09 -1.81 14.32
C HIS A 138 24.79 -2.56 13.21
N HIS A 139 24.98 -3.86 13.40
CA HIS A 139 25.54 -4.70 12.34
C HIS A 139 24.43 -5.38 11.54
N SER A 140 24.49 -5.30 10.21
CA SER A 140 23.51 -5.95 9.34
C SER A 140 24.14 -7.05 8.50
N ASN A 141 23.34 -7.67 7.64
CA ASN A 141 23.79 -8.82 6.86
C ASN A 141 23.93 -8.53 5.37
N ASP A 142 22.83 -8.21 4.71
CA ASP A 142 22.89 -7.88 3.29
C ASP A 142 23.04 -6.37 3.12
N ALA A 143 23.80 -5.95 2.12
CA ALA A 143 24.03 -4.54 1.92
C ALA A 143 22.89 -3.91 1.14
N ALA A 144 21.99 -4.75 0.64
CA ALA A 144 20.79 -4.22 0.02
C ALA A 144 19.89 -3.88 1.18
N GLU A 145 19.98 -4.71 2.21
CA GLU A 145 19.30 -4.49 3.48
C GLU A 145 19.89 -3.29 4.23
N GLN A 146 21.17 -3.02 4.02
CA GLN A 146 21.79 -1.79 4.57
C GLN A 146 21.19 -0.61 3.83
N THR A 147 20.98 -0.80 2.54
CA THR A 147 20.43 0.21 1.66
C THR A 147 18.99 0.51 2.03
N LYS A 148 18.33 -0.49 2.61
CA LYS A 148 16.97 -0.31 3.09
C LYS A 148 16.88 0.70 4.23
N LEU A 149 17.60 0.45 5.32
CA LEU A 149 17.58 1.35 6.48
C LEU A 149 18.36 2.67 6.33
N TYR A 150 19.65 2.57 6.02
CA TYR A 150 20.48 3.76 6.03
C TYR A 150 20.74 4.38 4.66
N GLN A 151 20.35 3.67 3.60
CA GLN A 151 20.46 4.16 2.22
C GLN A 151 21.89 4.17 1.68
N ASN A 152 22.87 4.18 2.58
CA ASN A 152 24.28 4.31 2.20
C ASN A 152 24.98 2.96 2.24
N PRO A 153 25.73 2.63 1.19
CA PRO A 153 26.27 1.27 1.20
C PRO A 153 27.33 1.08 2.26
N THR A 154 28.22 2.06 2.39
CA THR A 154 29.36 1.93 3.29
C THR A 154 29.39 3.05 4.32
N THR A 155 29.11 2.69 5.58
CA THR A 155 29.05 3.68 6.63
C THR A 155 30.00 3.38 7.75
N TYR A 156 29.93 4.21 8.77
CA TYR A 156 30.91 4.17 9.82
C TYR A 156 30.37 4.85 11.07
N ILE A 157 31.15 4.83 12.14
CA ILE A 157 30.94 5.70 13.29
C ILE A 157 32.30 6.15 13.78
N SER A 158 32.44 7.42 14.11
CA SER A 158 33.66 7.87 14.74
C SER A 158 33.37 8.86 15.86
N VAL A 159 33.84 8.54 17.07
CA VAL A 159 33.58 9.37 18.22
C VAL A 159 34.90 9.72 18.89
N GLY A 160 34.93 10.84 19.61
CA GLY A 160 36.10 11.19 20.39
C GLY A 160 35.79 12.09 21.57
N THR A 161 36.62 12.03 22.61
CA THR A 161 36.38 12.81 23.81
C THR A 161 37.54 13.73 24.15
N SER A 162 38.57 13.16 24.77
CA SER A 162 39.82 13.85 24.98
C SER A 162 40.96 12.90 24.67
N THR A 163 41.04 11.86 25.49
CA THR A 163 42.06 10.84 25.39
C THR A 163 41.76 9.84 24.30
N LEU A 164 40.47 9.53 24.17
CA LEU A 164 40.05 8.46 23.27
C LEU A 164 39.36 8.97 22.00
N ASN A 165 39.66 8.28 20.92
CA ASN A 165 39.16 8.56 19.58
C ASN A 165 38.72 7.25 18.96
N GLN A 166 37.42 7.10 18.73
CA GLN A 166 36.91 5.81 18.25
C GLN A 166 36.48 5.89 16.80
N ARG A 167 36.69 4.80 16.07
CA ARG A 167 36.30 4.69 14.67
C ARG A 167 35.65 3.34 14.44
N LEU A 168 34.43 3.35 13.93
CA LEU A 168 33.67 2.12 13.76
C LEU A 168 33.22 1.90 12.34
N VAL A 169 33.12 0.63 11.96
CA VAL A 169 32.54 0.21 10.69
C VAL A 169 31.70 -1.04 10.93
N PRO A 170 30.51 -1.12 10.31
CA PRO A 170 29.69 -2.34 10.39
C PRO A 170 30.26 -3.53 9.58
N LYS A 171 30.28 -4.72 10.17
CA LYS A 171 30.70 -5.92 9.46
C LYS A 171 29.47 -6.55 8.82
N ILE A 172 29.56 -6.85 7.53
CA ILE A 172 28.38 -7.26 6.76
C ILE A 172 28.62 -8.49 5.86
N ALA A 173 27.99 -9.62 6.20
CA ALA A 173 27.84 -10.76 5.26
C ALA A 173 26.47 -11.41 5.33
N THR A 174 26.22 -12.07 6.45
CA THR A 174 25.02 -12.87 6.71
C THR A 174 25.18 -13.47 8.11
N ARG A 175 24.14 -14.09 8.66
CA ARG A 175 24.21 -14.54 10.05
C ARG A 175 23.08 -15.48 10.49
N SER A 176 23.10 -15.86 11.76
CA SER A 176 22.07 -16.75 12.33
C SER A 176 20.82 -16.00 12.75
N LYS A 177 19.94 -16.71 13.43
CA LYS A 177 18.82 -16.08 14.09
C LYS A 177 19.03 -16.22 15.57
N VAL A 178 19.43 -15.12 16.18
CA VAL A 178 19.58 -15.03 17.61
C VAL A 178 18.54 -13.99 17.99
N ASN A 179 17.74 -14.25 19.01
CA ASN A 179 16.66 -13.34 19.40
C ASN A 179 15.72 -13.12 18.21
N GLY A 180 15.67 -14.11 17.31
CA GLY A 180 14.88 -14.02 16.10
C GLY A 180 15.52 -13.15 15.03
N GLN A 181 16.64 -12.52 15.39
CA GLN A 181 17.23 -11.49 14.55
C GLN A 181 18.49 -11.93 13.84
N SER A 182 18.64 -11.46 12.62
CA SER A 182 19.83 -11.78 11.87
C SER A 182 20.92 -10.74 12.06
N GLY A 183 20.58 -9.60 12.65
CA GLY A 183 21.51 -8.50 12.78
C GLY A 183 22.19 -8.48 14.13
N ARG A 184 23.23 -7.65 14.28
CA ARG A 184 23.93 -7.51 15.56
C ARG A 184 24.07 -6.05 15.99
N MET A 185 24.11 -5.83 17.30
CA MET A 185 24.31 -4.49 17.83
C MET A 185 25.35 -4.43 18.92
N ASP A 186 26.45 -3.75 18.63
CA ASP A 186 27.49 -3.53 19.61
C ASP A 186 27.30 -2.18 20.24
N PHE A 187 27.42 -2.13 21.55
CA PHE A 187 27.31 -0.88 22.26
C PHE A 187 28.63 -0.55 22.97
N PHE A 188 28.87 0.72 23.19
CA PHE A 188 30.12 1.12 23.80
C PHE A 188 29.84 2.12 24.90
N TRP A 189 30.86 2.45 25.68
CA TRP A 189 30.71 3.26 26.88
C TRP A 189 31.87 4.19 27.04
N THR A 190 31.65 5.25 27.80
CA THR A 190 32.75 6.13 28.18
C THR A 190 32.35 6.93 29.41
N ILE A 191 33.24 7.80 29.84
CA ILE A 191 32.94 8.70 30.94
C ILE A 191 33.30 10.09 30.44
N LEU A 192 32.31 10.96 30.27
CA LEU A 192 32.64 12.29 29.76
C LEU A 192 32.89 13.25 30.90
N LYS A 193 34.13 13.70 30.98
CA LYS A 193 34.59 14.52 32.09
C LYS A 193 33.78 15.81 32.15
N PRO A 194 33.77 16.47 33.32
CA PRO A 194 32.99 17.71 33.31
C PRO A 194 33.75 18.80 32.57
N ASN A 195 33.00 19.74 32.01
CA ASN A 195 33.57 20.76 31.14
C ASN A 195 34.42 20.17 30.03
N ASP A 196 33.92 19.06 29.47
CA ASP A 196 34.51 18.45 28.29
C ASP A 196 33.40 18.11 27.29
N ALA A 197 33.78 17.59 26.14
CA ALA A 197 32.79 17.24 25.15
C ALA A 197 33.10 15.91 24.50
N ILE A 198 32.17 15.48 23.66
CA ILE A 198 32.29 14.19 23.00
C ILE A 198 31.75 14.37 21.59
N ASN A 199 32.47 13.85 20.62
CA ASN A 199 32.09 14.13 19.26
C ASN A 199 31.76 12.91 18.44
N PHE A 200 30.46 12.74 18.15
CA PHE A 200 29.98 11.64 17.32
C PHE A 200 30.04 11.99 15.85
N GLU A 201 30.53 11.08 15.01
CA GLU A 201 30.37 11.24 13.57
C GLU A 201 29.99 9.94 12.87
N SER A 202 28.83 9.93 12.22
CA SER A 202 28.41 8.80 11.40
C SER A 202 27.50 9.21 10.25
N ASN A 203 27.67 8.57 9.10
CA ASN A 203 26.67 8.71 8.04
C ASN A 203 25.72 7.53 8.03
N GLY A 204 25.90 6.59 8.95
CA GLY A 204 24.99 5.46 9.06
C GLY A 204 25.43 4.33 9.96
N ASN A 205 24.51 3.44 10.26
CA ASN A 205 24.72 2.32 11.17
C ASN A 205 25.08 2.76 12.58
N PHE A 206 24.31 3.70 13.09
CA PHE A 206 24.63 4.35 14.35
C PHE A 206 23.43 4.42 15.27
N ILE A 207 23.67 4.16 16.54
CA ILE A 207 22.64 4.27 17.54
C ILE A 207 23.03 5.27 18.63
N ALA A 208 22.38 6.42 18.61
CA ALA A 208 22.75 7.57 19.43
C ALA A 208 22.18 7.46 20.82
N PRO A 209 22.65 8.33 21.74
CA PRO A 209 22.02 8.35 23.07
C PRO A 209 20.82 9.27 23.15
N GLU A 210 20.11 9.23 24.28
CA GLU A 210 19.03 10.17 24.55
C GLU A 210 19.17 10.72 25.97
N TYR A 211 19.06 9.83 26.94
CA TYR A 211 19.20 10.15 28.36
C TYR A 211 20.57 9.68 28.87
N ALA A 212 21.13 10.40 29.84
CA ALA A 212 22.42 9.99 30.41
C ALA A 212 22.41 9.93 31.92
N TYR A 213 23.55 9.55 32.50
CA TYR A 213 23.63 9.36 33.94
C TYR A 213 24.68 10.23 34.64
N LYS A 214 24.19 10.99 35.61
CA LYS A 214 25.04 11.69 36.57
C LYS A 214 25.56 10.69 37.58
N ILE A 215 26.86 10.76 37.84
CA ILE A 215 27.57 9.77 38.64
C ILE A 215 28.44 10.41 39.72
N VAL A 216 28.40 9.85 40.93
CA VAL A 216 29.30 10.25 42.01
C VAL A 216 30.02 9.01 42.51
N LYS A 217 31.35 9.02 42.48
CA LYS A 217 32.09 7.77 42.71
C LYS A 217 32.43 7.51 44.17
N LYS A 218 31.78 6.51 44.77
CA LYS A 218 31.97 6.14 46.17
C LYS A 218 31.95 7.35 47.10
N GLU B 1 10.55 -12.51 -11.12
CA GLU B 1 9.49 -11.83 -10.40
C GLU B 1 9.37 -12.37 -8.99
N VAL B 2 8.67 -11.65 -8.12
CA VAL B 2 8.31 -12.15 -6.81
C VAL B 2 6.80 -12.34 -6.84
N GLN B 3 6.34 -13.57 -6.66
CA GLN B 3 4.93 -13.86 -6.91
C GLN B 3 4.12 -14.20 -5.66
N LEU B 4 3.16 -13.34 -5.37
CA LEU B 4 2.11 -13.65 -4.40
C LEU B 4 0.87 -14.06 -5.16
N LEU B 5 0.34 -15.23 -4.85
CA LEU B 5 -0.77 -15.76 -5.62
C LEU B 5 -1.88 -16.31 -4.76
N GLU B 6 -3.07 -15.74 -4.91
CA GLU B 6 -4.23 -16.21 -4.18
C GLU B 6 -5.23 -16.85 -5.13
N SER B 7 -5.66 -18.04 -4.77
CA SER B 7 -6.40 -18.92 -5.66
C SER B 7 -7.72 -19.32 -5.07
N GLY B 8 -8.60 -19.86 -5.92
CA GLY B 8 -9.78 -20.50 -5.40
C GLY B 8 -10.77 -19.58 -4.73
N GLY B 9 -11.31 -18.63 -5.47
CA GLY B 9 -12.34 -17.79 -4.91
C GLY B 9 -13.37 -17.47 -5.98
N GLY B 10 -14.56 -17.14 -5.54
CA GLY B 10 -15.69 -17.17 -6.44
C GLY B 10 -16.95 -17.02 -5.64
N LEU B 11 -18.05 -17.57 -6.14
CA LEU B 11 -19.35 -17.40 -5.49
C LEU B 11 -19.60 -18.32 -4.29
N VAL B 12 -19.92 -17.70 -3.16
CA VAL B 12 -20.27 -18.37 -1.92
C VAL B 12 -21.62 -17.79 -1.46
N GLN B 13 -22.48 -18.59 -0.85
CA GLN B 13 -23.73 -18.06 -0.34
C GLN B 13 -23.54 -17.44 1.04
N PRO B 14 -24.48 -16.57 1.45
CA PRO B 14 -24.44 -16.05 2.82
C PRO B 14 -24.48 -17.15 3.86
N GLY B 15 -23.56 -17.14 4.81
CA GLY B 15 -23.46 -18.23 5.75
C GLY B 15 -22.72 -19.37 5.10
N GLY B 16 -21.93 -19.05 4.10
CA GLY B 16 -21.11 -20.05 3.46
C GLY B 16 -19.76 -20.25 4.13
N SER B 17 -18.82 -20.79 3.36
CA SER B 17 -17.48 -21.06 3.83
C SER B 17 -16.52 -20.95 2.67
N LEU B 18 -15.37 -20.34 2.92
CA LEU B 18 -14.38 -20.23 1.87
C LEU B 18 -12.98 -20.31 2.46
N ARG B 19 -12.14 -21.09 1.81
CA ARG B 19 -10.75 -21.26 2.22
C ARG B 19 -9.84 -20.74 1.11
N VAL B 20 -9.13 -19.65 1.37
CA VAL B 20 -8.28 -19.08 0.34
C VAL B 20 -6.81 -19.15 0.71
N SER B 21 -6.04 -19.84 -0.13
CA SER B 21 -4.63 -20.02 0.07
C SER B 21 -3.89 -18.94 -0.62
N CYS B 22 -2.80 -18.48 -0.04
CA CYS B 22 -1.90 -17.63 -0.79
C CYS B 22 -0.61 -18.35 -1.12
N THR B 23 -0.29 -18.38 -2.42
CA THR B 23 0.76 -19.23 -2.96
C THR B 23 2.03 -18.45 -3.22
N ASN B 24 3.14 -18.91 -2.66
CA ASN B 24 4.34 -18.07 -2.59
C ASN B 24 5.64 -18.68 -3.08
N SER B 25 6.39 -17.83 -3.79
CA SER B 25 7.73 -18.15 -4.28
C SER B 25 8.58 -16.87 -4.36
N GLY B 26 9.89 -17.04 -4.30
CA GLY B 26 10.80 -15.92 -4.48
C GLY B 26 11.52 -15.49 -3.23
N PHE B 27 11.10 -15.98 -2.08
CA PHE B 27 11.77 -15.64 -0.84
C PHE B 27 11.62 -16.76 0.15
N THR B 28 11.96 -16.49 1.40
CA THR B 28 11.75 -17.49 2.44
C THR B 28 10.55 -17.14 3.30
N PHE B 29 9.49 -17.89 3.06
CA PHE B 29 8.20 -17.68 3.68
C PHE B 29 8.34 -17.46 5.18
N SER B 30 9.07 -18.37 5.82
CA SER B 30 9.23 -18.38 7.27
C SER B 30 9.92 -17.13 7.77
N ASN B 31 10.60 -16.41 6.89
CA ASN B 31 11.36 -15.25 7.32
C ASN B 31 10.54 -13.96 7.34
N TYR B 32 9.30 -14.04 6.86
CA TYR B 32 8.39 -12.89 6.85
C TYR B 32 7.00 -13.19 7.42
N ALA B 33 6.38 -12.18 8.02
CA ALA B 33 4.97 -12.20 8.36
C ALA B 33 4.18 -11.87 7.13
N MET B 34 2.94 -12.32 7.09
CA MET B 34 2.11 -12.11 5.93
C MET B 34 0.79 -11.58 6.36
N SER B 35 0.04 -11.01 5.44
CA SER B 35 -1.29 -10.48 5.76
C SER B 35 -2.33 -10.74 4.67
N TRP B 36 -3.59 -10.47 4.99
CA TRP B 36 -4.66 -10.39 4.00
C TRP B 36 -5.27 -8.99 4.07
N VAL B 37 -5.39 -8.30 2.92
CA VAL B 37 -6.08 -7.02 2.87
C VAL B 37 -7.18 -7.10 1.82
N ARG B 38 -8.40 -6.68 2.16
CA ARG B 38 -9.52 -6.83 1.25
C ARG B 38 -10.09 -5.50 0.80
N GLN B 39 -10.58 -5.45 -0.44
CA GLN B 39 -11.18 -4.24 -0.97
C GLN B 39 -12.57 -4.44 -1.57
N ALA B 40 -13.58 -3.85 -0.95
CA ALA B 40 -14.96 -4.02 -1.40
C ALA B 40 -15.22 -3.21 -2.66
N PRO B 41 -16.31 -3.49 -3.38
CA PRO B 41 -16.50 -2.76 -4.64
C PRO B 41 -16.66 -1.26 -4.46
N GLY B 42 -15.83 -0.49 -5.15
CA GLY B 42 -15.86 0.96 -5.02
C GLY B 42 -15.49 1.40 -3.63
N LYS B 43 -14.57 0.69 -2.99
CA LYS B 43 -14.14 1.06 -1.66
C LYS B 43 -12.64 0.98 -1.54
N GLY B 44 -12.13 1.35 -0.37
CA GLY B 44 -10.73 1.26 -0.09
C GLY B 44 -10.36 -0.06 0.56
N LEU B 45 -9.22 -0.06 1.23
CA LEU B 45 -8.67 -1.27 1.81
C LEU B 45 -8.91 -1.36 3.31
N GLU B 46 -9.05 -2.58 3.78
CA GLU B 46 -9.38 -2.84 5.15
C GLU B 46 -8.53 -4.00 5.58
N TRP B 47 -7.87 -3.88 6.72
CA TRP B 47 -7.01 -4.94 7.17
C TRP B 47 -7.92 -6.08 7.55
N VAL B 48 -7.58 -7.28 7.09
CA VAL B 48 -8.31 -8.48 7.45
C VAL B 48 -7.66 -9.14 8.64
N SER B 49 -6.42 -9.58 8.46
CA SER B 49 -5.76 -10.37 9.47
C SER B 49 -4.32 -10.62 9.08
N ALA B 50 -3.54 -11.04 10.06
CA ALA B 50 -2.14 -11.35 9.79
C ALA B 50 -1.64 -12.49 10.66
N ILE B 51 -0.50 -13.02 10.26
CA ILE B 51 0.11 -14.19 10.86
C ILE B 51 1.62 -14.04 10.72
N SER B 52 2.36 -14.50 11.70
CA SER B 52 3.81 -14.49 11.59
C SER B 52 4.33 -15.58 10.68
N GLY B 58 0.36 -16.95 16.71
CA GLY B 58 0.96 -15.73 16.19
C GLY B 58 0.01 -15.08 15.21
N THR B 59 -1.26 -15.21 15.51
CA THR B 59 -2.28 -14.83 14.56
C THR B 59 -2.95 -13.55 14.98
N TYR B 60 -3.19 -12.65 14.04
CA TYR B 60 -3.90 -11.42 14.35
C TYR B 60 -5.08 -11.24 13.43
N TYR B 61 -6.15 -10.63 13.93
CA TYR B 61 -7.37 -10.38 13.14
C TYR B 61 -8.03 -9.04 13.39
N ALA B 62 -8.57 -8.46 12.33
CA ALA B 62 -9.35 -7.25 12.47
C ALA B 62 -10.64 -7.60 13.17
N ASP B 63 -11.44 -6.59 13.50
CA ASP B 63 -12.58 -6.83 14.35
C ASP B 63 -13.73 -7.43 13.58
N SER B 64 -14.00 -6.89 12.40
CA SER B 64 -15.13 -7.34 11.58
C SER B 64 -15.16 -8.85 11.27
N VAL B 65 -13.99 -9.48 11.27
CA VAL B 65 -13.87 -10.91 10.94
C VAL B 65 -13.76 -11.87 12.12
N LYS B 66 -13.66 -11.34 13.33
CA LYS B 66 -13.21 -12.14 14.47
C LYS B 66 -14.10 -13.34 14.79
N GLY B 67 -13.47 -14.50 14.81
CA GLY B 67 -14.11 -15.73 15.22
C GLY B 67 -14.67 -16.48 14.03
N ARG B 68 -14.99 -15.75 12.97
CA ARG B 68 -15.43 -16.37 11.73
C ARG B 68 -14.36 -16.43 10.65
N PHE B 69 -13.17 -15.87 10.92
CA PHE B 69 -12.05 -15.98 9.99
C PHE B 69 -10.86 -16.65 10.66
N THR B 70 -10.10 -17.43 9.89
CA THR B 70 -8.97 -18.14 10.45
C THR B 70 -7.76 -18.11 9.54
N ILE B 71 -6.66 -17.54 10.02
CA ILE B 71 -5.49 -17.43 9.19
C ILE B 71 -4.43 -18.45 9.58
N SER B 72 -3.88 -19.09 8.57
CA SER B 72 -3.10 -20.29 8.71
C SER B 72 -1.99 -20.32 7.68
N ARG B 73 -0.78 -20.65 8.09
CA ARG B 73 0.33 -20.63 7.16
C ARG B 73 1.07 -21.96 7.10
N ASP B 74 1.39 -22.41 5.90
CA ASP B 74 2.26 -23.58 5.77
C ASP B 74 3.52 -23.26 4.96
N ASN B 75 4.65 -23.18 5.65
CA ASN B 75 5.94 -22.92 5.02
C ASN B 75 6.55 -24.20 4.47
N SER B 76 5.97 -25.33 4.85
CA SER B 76 6.37 -26.59 4.28
C SER B 76 5.97 -26.62 2.82
N LYS B 77 4.74 -26.17 2.57
CA LYS B 77 4.24 -26.05 1.24
C LYS B 77 4.33 -24.61 0.77
N ASN B 78 4.81 -23.72 1.64
CA ASN B 78 5.00 -22.32 1.33
C ASN B 78 3.73 -21.66 0.82
N THR B 79 2.63 -21.91 1.52
CA THR B 79 1.38 -21.20 1.29
C THR B 79 0.73 -20.82 2.60
N MET B 80 -0.35 -20.06 2.52
CA MET B 80 -1.06 -19.72 3.73
C MET B 80 -2.52 -19.50 3.48
N TYR B 81 -3.37 -19.97 4.38
CA TYR B 81 -4.79 -19.86 4.15
C TYR B 81 -5.49 -18.81 4.97
N LEU B 82 -6.73 -18.57 4.56
CA LEU B 82 -7.65 -17.75 5.30
C LEU B 82 -8.94 -18.52 5.22
N GLN B 83 -9.44 -18.94 6.36
CA GLN B 83 -10.68 -19.68 6.37
C GLN B 83 -11.76 -18.71 6.72
N MET B 84 -12.75 -18.61 5.85
CA MET B 84 -13.83 -17.70 6.07
C MET B 84 -15.09 -18.49 6.19
N ASN B 85 -15.66 -18.62 7.39
CA ASN B 85 -17.00 -19.18 7.49
C ASN B 85 -17.92 -18.10 8.00
N SER B 86 -19.20 -18.43 8.10
CA SER B 86 -20.21 -17.53 8.63
C SER B 86 -20.46 -16.34 7.68
N LEU B 87 -19.78 -16.36 6.54
CA LEU B 87 -19.72 -15.25 5.58
C LEU B 87 -21.09 -14.66 5.28
N ARG B 88 -21.21 -13.33 5.33
CA ARG B 88 -22.55 -12.77 5.25
C ARG B 88 -22.93 -12.21 3.87
N ALA B 89 -22.65 -10.93 3.66
CA ALA B 89 -22.90 -10.27 2.37
C ALA B 89 -21.75 -9.33 2.15
N GLU B 90 -21.66 -8.41 3.10
CA GLU B 90 -20.75 -7.28 3.09
C GLU B 90 -19.30 -7.73 2.98
N ASP B 91 -19.09 -9.03 3.10
CA ASP B 91 -17.75 -9.60 3.03
C ASP B 91 -17.20 -9.66 1.61
N THR B 92 -18.00 -9.30 0.62
CA THR B 92 -17.52 -9.40 -0.74
C THR B 92 -16.48 -8.33 -1.06
N ALA B 93 -15.28 -8.80 -1.40
CA ALA B 93 -14.15 -7.93 -1.70
C ALA B 93 -13.11 -8.72 -2.46
N VAL B 94 -12.24 -8.04 -3.18
CA VAL B 94 -11.12 -8.73 -3.78
C VAL B 94 -10.11 -8.93 -2.68
N TYR B 95 -9.51 -10.12 -2.63
CA TYR B 95 -8.60 -10.46 -1.57
C TYR B 95 -7.14 -10.51 -2.01
N TYR B 96 -6.38 -9.55 -1.48
CA TYR B 96 -4.95 -9.47 -1.70
C TYR B 96 -4.18 -10.18 -0.59
N CYS B 97 -3.39 -11.18 -0.96
CA CYS B 97 -2.38 -11.74 -0.06
C CYS B 97 -1.19 -10.78 -0.05
N VAL B 98 -0.68 -10.46 1.14
CA VAL B 98 0.32 -9.38 1.26
C VAL B 98 1.56 -9.67 2.13
N ARG B 99 2.66 -9.04 1.77
CA ARG B 99 3.91 -9.20 2.48
C ARG B 99 4.14 -8.14 3.57
N ASP B 100 4.41 -8.59 4.78
CA ASP B 100 4.74 -7.67 5.86
C ASP B 100 6.26 -7.48 5.97
N ASP B 101 6.67 -6.22 5.80
CA ASP B 101 8.08 -5.86 5.70
C ASP B 101 8.41 -4.83 6.76
N SER B 102 9.48 -5.10 7.51
CA SER B 102 9.74 -4.39 8.74
C SER B 102 11.15 -3.81 8.74
N TYR B 103 11.30 -2.60 9.28
CA TYR B 103 12.63 -1.96 9.48
C TYR B 103 13.56 -2.88 10.23
N ASP B 104 12.96 -3.61 11.15
CA ASP B 104 13.67 -4.37 12.12
C ASP B 104 13.96 -5.77 11.62
N GLY B 105 13.76 -5.97 10.32
CA GLY B 105 14.31 -7.14 9.65
C GLY B 105 13.73 -8.49 10.00
N GLY B 106 14.56 -9.37 10.52
CA GLY B 106 14.23 -10.78 10.67
C GLY B 106 13.07 -11.04 11.61
N GLY B 107 12.47 -9.97 12.12
CA GLY B 107 11.22 -10.05 12.82
C GLY B 107 10.15 -10.83 12.07
N HIS B 108 9.45 -11.64 12.84
CA HIS B 108 8.28 -12.37 12.37
C HIS B 108 7.08 -11.49 12.71
N TYR B 109 7.39 -10.31 13.21
CA TYR B 109 6.41 -9.46 13.88
C TYR B 109 5.56 -8.60 12.97
N GLY B 110 4.24 -8.82 13.03
CA GLY B 110 3.35 -7.70 12.86
C GLY B 110 3.31 -6.93 14.17
N LEU B 111 3.73 -5.67 14.17
CA LEU B 111 3.19 -4.64 15.06
C LEU B 111 3.13 -3.38 14.24
N HIS B 112 4.31 -2.91 13.87
CA HIS B 112 4.42 -1.89 12.84
C HIS B 112 5.43 -2.30 11.78
N ASN B 113 4.86 -2.65 10.63
CA ASN B 113 5.62 -2.93 9.44
C ASN B 113 4.68 -2.56 8.31
N TRP B 114 5.09 -2.70 7.05
CA TRP B 114 4.26 -2.22 5.96
C TRP B 114 4.01 -3.34 4.98
N PHE B 115 3.37 -3.01 3.88
CA PHE B 115 3.13 -4.00 2.86
C PHE B 115 3.88 -3.65 1.60
N ASP B 116 4.99 -4.33 1.31
CA ASP B 116 5.73 -4.00 0.09
C ASP B 116 5.21 -4.74 -1.13
N SER B 117 4.95 -6.03 -0.94
CA SER B 117 4.55 -6.90 -2.02
C SER B 117 3.09 -7.21 -1.87
N TRP B 118 2.35 -6.98 -2.95
CA TRP B 118 0.92 -7.24 -2.96
C TRP B 118 0.53 -8.36 -3.91
N GLY B 119 -0.40 -9.19 -3.47
CA GLY B 119 -0.93 -10.26 -4.28
C GLY B 119 -1.68 -9.75 -5.49
N GLN B 120 -2.11 -10.65 -6.34
CA GLN B 120 -2.87 -10.27 -7.52
C GLN B 120 -4.33 -10.05 -7.16
N GLY B 121 -4.84 -10.82 -6.21
CA GLY B 121 -6.19 -10.67 -5.73
C GLY B 121 -7.14 -11.67 -6.34
N THR B 122 -8.08 -12.13 -5.53
CA THR B 122 -9.03 -13.14 -5.93
C THR B 122 -10.40 -12.76 -5.36
N LEU B 123 -11.36 -12.50 -6.24
CA LEU B 123 -12.64 -11.95 -5.82
C LEU B 123 -13.60 -12.98 -5.23
N VAL B 124 -14.00 -12.75 -3.99
CA VAL B 124 -14.98 -13.59 -3.33
C VAL B 124 -16.33 -12.89 -3.36
N THR B 125 -17.36 -13.63 -3.76
CA THR B 125 -18.69 -13.08 -3.99
C THR B 125 -19.71 -13.81 -3.14
N VAL B 126 -20.50 -13.09 -2.35
CA VAL B 126 -21.48 -13.75 -1.52
C VAL B 126 -22.94 -13.40 -1.90
N SER B 127 -23.60 -14.36 -2.55
CA SER B 127 -24.93 -14.18 -3.17
C SER B 127 -25.42 -15.44 -3.91
N SER B 128 -26.60 -15.34 -4.52
CA SER B 128 -27.14 -16.42 -5.35
C SER B 128 -28.00 -15.80 -6.45
N SER B 129 -28.01 -16.34 -7.67
CA SER B 129 -27.36 -17.59 -8.08
C SER B 129 -26.56 -17.33 -9.38
N THR B 130 -25.90 -18.35 -9.95
CA THR B 130 -24.92 -18.15 -11.02
C THR B 130 -25.47 -17.76 -12.39
N LYS B 131 -24.56 -17.53 -13.34
CA LYS B 131 -24.89 -17.01 -14.66
C LYS B 131 -23.68 -17.07 -15.57
N GLY B 132 -23.85 -16.65 -16.81
CA GLY B 132 -22.77 -16.46 -17.75
C GLY B 132 -23.29 -15.51 -18.80
N PRO B 133 -22.40 -14.77 -19.47
CA PRO B 133 -22.78 -13.63 -20.30
C PRO B 133 -23.27 -13.98 -21.72
N SER B 134 -23.50 -12.94 -22.51
CA SER B 134 -23.81 -13.09 -23.92
C SER B 134 -23.03 -12.05 -24.70
N VAL B 135 -22.33 -12.49 -25.76
CA VAL B 135 -21.41 -11.63 -26.50
C VAL B 135 -21.95 -11.22 -27.88
N PHE B 136 -22.33 -9.95 -28.00
CA PHE B 136 -22.76 -9.44 -29.29
C PHE B 136 -21.83 -8.31 -29.72
N PRO B 137 -21.51 -8.23 -31.01
CA PRO B 137 -20.60 -7.22 -31.55
C PRO B 137 -21.18 -5.83 -31.71
N LEU B 138 -20.36 -4.81 -31.49
CA LEU B 138 -20.69 -3.44 -31.86
C LEU B 138 -19.96 -3.14 -33.17
N ALA B 139 -20.69 -2.96 -34.26
CA ALA B 139 -20.07 -3.12 -35.56
C ALA B 139 -19.97 -1.80 -36.29
N PRO B 140 -18.87 -1.63 -37.05
CA PRO B 140 -18.47 -0.39 -37.73
C PRO B 140 -19.26 -0.12 -39.02
N SER B 141 -18.81 0.85 -39.79
CA SER B 141 -19.50 1.24 -41.01
C SER B 141 -19.55 0.11 -42.04
N ALA B 151 -13.60 3.30 -34.47
CA ALA B 151 -13.87 2.57 -33.23
C ALA B 151 -14.96 1.50 -33.36
N LEU B 152 -14.91 0.54 -32.43
CA LEU B 152 -15.71 -0.67 -32.48
C LEU B 152 -15.33 -1.51 -31.28
N GLY B 153 -16.00 -2.63 -31.11
CA GLY B 153 -15.70 -3.55 -30.04
C GLY B 153 -16.93 -4.38 -29.79
N CYS B 154 -16.99 -5.11 -28.69
CA CYS B 154 -18.18 -5.89 -28.42
C CYS B 154 -18.69 -5.62 -27.03
N LEU B 155 -19.94 -6.01 -26.77
CA LEU B 155 -20.55 -5.78 -25.47
C LEU B 155 -20.86 -7.09 -24.79
N VAL B 156 -20.81 -7.06 -23.46
CA VAL B 156 -21.12 -8.21 -22.65
C VAL B 156 -22.39 -7.96 -21.87
N LYS B 157 -23.37 -8.83 -22.07
CA LYS B 157 -24.67 -8.63 -21.48
C LYS B 157 -24.96 -9.73 -20.46
N ASP B 158 -25.61 -9.38 -19.36
CA ASP B 158 -26.35 -10.34 -18.56
C ASP B 158 -25.55 -11.50 -17.99
N TYR B 159 -24.65 -11.21 -17.05
CA TYR B 159 -23.92 -12.28 -16.38
C TYR B 159 -23.89 -12.08 -14.88
N PHE B 160 -23.29 -13.04 -14.19
CA PHE B 160 -23.25 -13.09 -12.75
C PHE B 160 -22.46 -14.34 -12.41
N PRO B 161 -21.54 -14.26 -11.46
CA PRO B 161 -21.11 -13.03 -10.81
C PRO B 161 -20.08 -12.34 -11.67
N GLU B 162 -19.49 -11.28 -11.14
CA GLU B 162 -18.23 -10.80 -11.65
C GLU B 162 -17.13 -11.82 -11.35
N PRO B 163 -15.96 -11.70 -11.99
CA PRO B 163 -15.61 -10.79 -13.07
C PRO B 163 -15.76 -11.42 -14.43
N VAL B 164 -15.56 -10.62 -15.46
CA VAL B 164 -15.23 -11.15 -16.77
C VAL B 164 -13.90 -10.57 -17.15
N THR B 165 -13.38 -11.04 -18.27
CA THR B 165 -12.09 -10.58 -18.71
C THR B 165 -12.10 -10.53 -20.22
N VAL B 166 -11.64 -9.41 -20.75
CA VAL B 166 -11.69 -9.19 -22.18
C VAL B 166 -10.30 -9.10 -22.75
N SER B 167 -10.04 -9.98 -23.70
CA SER B 167 -8.82 -9.92 -24.48
C SER B 167 -9.21 -9.56 -25.91
N TRP B 168 -8.22 -9.35 -26.75
CA TRP B 168 -8.48 -8.91 -28.12
C TRP B 168 -7.51 -9.48 -29.12
N ASN B 169 -8.05 -10.03 -30.21
CA ASN B 169 -7.26 -10.76 -31.20
C ASN B 169 -6.29 -11.72 -30.53
N SER B 170 -6.83 -12.80 -29.98
CA SER B 170 -6.04 -13.78 -29.20
C SER B 170 -5.51 -13.12 -27.92
N GLY B 171 -5.75 -11.82 -27.80
CA GLY B 171 -5.36 -11.06 -26.63
C GLY B 171 -4.21 -10.11 -26.82
N ALA B 172 -3.37 -10.30 -27.84
CA ALA B 172 -2.28 -9.34 -27.90
C ALA B 172 -2.78 -8.20 -28.73
N LEU B 173 -3.35 -7.23 -28.03
CA LEU B 173 -3.60 -5.90 -28.51
C LEU B 173 -3.56 -4.95 -27.32
N THR B 174 -2.58 -4.06 -27.21
CA THR B 174 -2.85 -2.87 -26.42
C THR B 174 -2.73 -1.70 -27.38
N SER B 175 -3.86 -1.34 -27.99
CA SER B 175 -3.92 -0.19 -28.84
C SER B 175 -5.29 0.46 -28.74
N GLY B 176 -5.37 1.64 -28.12
CA GLY B 176 -6.64 2.32 -27.98
C GLY B 176 -7.79 1.49 -27.43
N VAL B 177 -7.49 0.48 -26.62
CA VAL B 177 -8.51 -0.41 -26.08
C VAL B 177 -9.17 0.17 -24.83
N HIS B 178 -10.48 -0.03 -24.71
CA HIS B 178 -11.23 0.39 -23.53
C HIS B 178 -12.13 -0.71 -23.04
N THR B 179 -11.85 -1.23 -21.85
CA THR B 179 -12.72 -2.23 -21.24
C THR B 179 -13.42 -1.59 -20.06
N PHE B 180 -14.72 -1.35 -20.20
CA PHE B 180 -15.39 -0.44 -19.31
C PHE B 180 -15.64 -1.00 -17.91
N PRO B 181 -15.96 -0.11 -16.96
CA PRO B 181 -16.50 -0.56 -15.68
C PRO B 181 -17.87 -1.21 -15.87
N ALA B 182 -18.06 -2.36 -15.23
CA ALA B 182 -19.26 -3.15 -15.42
C ALA B 182 -20.47 -2.47 -14.82
N VAL B 183 -21.64 -2.60 -15.47
CA VAL B 183 -22.84 -1.93 -15.01
C VAL B 183 -23.82 -2.88 -14.36
N LEU B 184 -23.97 -2.82 -13.04
CA LEU B 184 -24.90 -3.75 -12.42
C LEU B 184 -26.29 -3.29 -12.81
N GLN B 185 -27.02 -4.15 -13.51
CA GLN B 185 -28.22 -3.69 -14.15
C GLN B 185 -29.43 -3.86 -13.25
N SER B 186 -30.57 -3.40 -13.73
CA SER B 186 -31.85 -3.59 -13.08
C SER B 186 -32.16 -5.06 -13.03
N SER B 187 -31.71 -5.79 -14.04
CA SER B 187 -31.86 -7.23 -14.07
C SER B 187 -31.02 -7.86 -12.97
N GLY B 188 -30.20 -7.06 -12.30
CA GLY B 188 -29.30 -7.58 -11.29
C GLY B 188 -28.19 -8.33 -11.97
N LEU B 189 -27.95 -8.01 -13.24
CA LEU B 189 -26.93 -8.70 -14.04
C LEU B 189 -26.00 -7.70 -14.71
N TYR B 190 -24.71 -7.83 -14.39
CA TYR B 190 -23.71 -6.93 -14.92
C TYR B 190 -23.69 -6.95 -16.44
N SER B 191 -23.49 -5.78 -17.02
CA SER B 191 -23.36 -5.63 -18.45
C SER B 191 -22.18 -4.71 -18.64
N LEU B 192 -21.52 -4.81 -19.79
CA LEU B 192 -20.41 -3.89 -20.09
C LEU B 192 -19.98 -3.91 -21.54
N SER B 193 -18.99 -3.10 -21.83
CA SER B 193 -18.53 -2.93 -23.18
C SER B 193 -17.02 -2.84 -23.23
N SER B 194 -16.43 -3.50 -24.23
CA SER B 194 -15.01 -3.33 -24.53
C SER B 194 -14.82 -2.81 -25.93
N VAL B 195 -14.16 -1.67 -26.06
CA VAL B 195 -13.99 -1.07 -27.37
C VAL B 195 -12.54 -0.77 -27.72
N VAL B 196 -12.28 -0.69 -29.01
CA VAL B 196 -10.97 -0.33 -29.52
C VAL B 196 -11.04 0.95 -30.36
N THR B 197 -9.93 1.34 -30.95
CA THR B 197 -9.86 2.58 -31.72
C THR B 197 -8.98 2.36 -32.92
N VAL B 198 -9.16 3.19 -33.95
CA VAL B 198 -8.45 3.07 -35.23
C VAL B 198 -8.95 4.15 -36.19
N PRO B 199 -8.04 4.77 -36.97
CA PRO B 199 -8.36 5.79 -37.99
C PRO B 199 -9.01 5.33 -39.32
N SER B 200 -8.47 4.29 -39.96
CA SER B 200 -9.06 3.75 -41.20
C SER B 200 -8.82 2.24 -41.37
N SER B 201 -9.89 1.48 -41.56
CA SER B 201 -9.84 0.00 -41.60
C SER B 201 -8.74 -0.64 -40.74
N THR B 207 -8.61 -9.53 -39.66
CA THR B 207 -9.79 -9.92 -38.91
C THR B 207 -9.51 -9.84 -37.41
N TYR B 208 -10.50 -9.34 -36.68
CA TYR B 208 -10.30 -8.91 -35.30
C TYR B 208 -11.36 -9.47 -34.34
N ILE B 209 -10.91 -10.18 -33.31
CA ILE B 209 -11.81 -10.88 -32.39
C ILE B 209 -11.55 -10.53 -30.92
N CYS B 210 -12.60 -10.29 -30.16
CA CYS B 210 -12.43 -10.12 -28.72
C CYS B 210 -12.58 -11.46 -28.04
N ASN B 211 -11.69 -11.73 -27.11
CA ASN B 211 -11.61 -13.04 -26.49
C ASN B 211 -12.12 -12.99 -25.06
N VAL B 212 -13.27 -13.61 -24.83
CA VAL B 212 -14.04 -13.37 -23.61
C VAL B 212 -14.17 -14.59 -22.70
N ASN B 213 -13.72 -14.44 -21.44
CA ASN B 213 -13.90 -15.46 -20.42
C ASN B 213 -14.58 -14.93 -19.17
N HIS B 214 -15.74 -15.50 -18.84
CA HIS B 214 -16.31 -15.36 -17.52
C HIS B 214 -16.06 -16.69 -16.85
N LYS B 215 -15.12 -16.69 -15.92
CA LYS B 215 -14.57 -17.94 -15.44
C LYS B 215 -15.57 -18.72 -14.62
N PRO B 216 -16.25 -18.09 -13.65
CA PRO B 216 -17.06 -19.06 -12.92
C PRO B 216 -18.50 -19.30 -13.45
N SER B 217 -18.69 -19.28 -14.77
CA SER B 217 -19.71 -20.08 -15.42
C SER B 217 -19.05 -21.17 -16.21
N ASN B 218 -17.72 -21.21 -16.10
CA ASN B 218 -16.89 -22.00 -16.99
C ASN B 218 -17.18 -21.60 -18.43
N THR B 219 -17.14 -20.31 -18.68
CA THR B 219 -17.46 -19.78 -20.00
C THR B 219 -16.26 -19.24 -20.74
N LYS B 220 -16.08 -19.69 -21.97
CA LYS B 220 -15.09 -19.12 -22.86
C LYS B 220 -15.79 -18.90 -24.20
N VAL B 221 -15.82 -17.64 -24.63
CA VAL B 221 -16.47 -17.23 -25.88
C VAL B 221 -15.61 -16.22 -26.61
N ASP B 222 -15.47 -16.34 -27.92
CA ASP B 222 -14.82 -15.28 -28.69
C ASP B 222 -15.49 -15.05 -30.02
N LYS B 223 -15.86 -13.79 -30.27
CA LYS B 223 -16.65 -13.46 -31.44
C LYS B 223 -15.92 -12.49 -32.38
N LYS B 224 -15.79 -12.85 -33.65
CA LYS B 224 -15.14 -11.99 -34.60
C LYS B 224 -16.05 -10.84 -34.95
N VAL B 225 -15.51 -9.63 -34.98
CA VAL B 225 -16.32 -8.45 -35.26
C VAL B 225 -16.03 -7.89 -36.66
N GLU B 226 -17.11 -7.44 -37.33
CA GLU B 226 -17.07 -6.79 -38.64
C GLU B 226 -18.51 -6.38 -38.96
N PRO B 227 -18.70 -5.40 -39.84
CA PRO B 227 -20.07 -5.07 -40.28
C PRO B 227 -20.54 -5.91 -41.48
N SER C 1 -10.08 1.14 9.78
CA SER C 1 -9.42 1.19 8.48
C SER C 1 -9.42 2.60 7.88
N VAL C 2 -10.00 3.56 8.59
CA VAL C 2 -10.06 4.93 8.07
C VAL C 2 -9.28 5.87 8.97
N LEU C 3 -8.40 6.67 8.38
CA LEU C 3 -7.70 7.65 9.19
C LEU C 3 -8.38 8.97 9.01
N THR C 4 -7.96 9.72 8.00
CA THR C 4 -8.84 10.62 7.26
C THR C 4 -8.08 11.02 5.98
N GLN C 5 -8.79 11.17 4.87
CA GLN C 5 -8.16 11.70 3.67
C GLN C 5 -9.18 12.50 2.91
N PRO C 6 -8.71 13.48 2.13
CA PRO C 6 -9.65 14.21 1.27
C PRO C 6 -10.16 13.29 0.18
N PRO C 7 -11.37 13.57 -0.31
CA PRO C 7 -11.97 12.68 -1.31
C PRO C 7 -11.14 12.61 -2.58
N SER C 8 -10.82 13.78 -3.12
CA SER C 8 -10.09 13.86 -4.38
C SER C 8 -9.32 15.16 -4.53
N VAL C 9 -8.19 15.10 -5.21
CA VAL C 9 -7.46 16.30 -5.54
C VAL C 9 -7.64 16.62 -7.01
N SER C 10 -7.01 17.68 -7.45
CA SER C 10 -6.88 17.92 -8.85
C SER C 10 -5.59 18.68 -9.03
N GLY C 11 -4.89 18.44 -10.13
CA GLY C 11 -3.59 19.05 -10.37
C GLY C 11 -3.29 19.29 -11.85
N ALA C 12 -2.17 19.94 -12.12
CA ALA C 12 -1.70 20.20 -13.49
C ALA C 12 -0.29 19.65 -13.67
N PRO C 13 0.09 19.30 -14.90
CA PRO C 13 1.41 18.67 -15.13
C PRO C 13 2.61 19.52 -14.66
N GLY C 14 3.53 18.85 -13.98
CA GLY C 14 4.71 19.48 -13.47
C GLY C 14 4.44 20.20 -12.16
N GLN C 15 3.16 20.48 -11.90
CA GLN C 15 2.80 21.21 -10.71
C GLN C 15 2.95 20.36 -9.45
N ARG C 16 2.69 20.97 -8.31
CA ARG C 16 2.78 20.31 -7.03
C ARG C 16 1.42 20.23 -6.37
N VAL C 17 1.10 19.05 -5.84
CA VAL C 17 -0.16 18.79 -5.15
C VAL C 17 0.21 18.24 -3.79
N THR C 18 -0.55 18.58 -2.75
CA THR C 18 -0.26 18.05 -1.42
C THR C 18 -1.37 17.15 -0.85
N ILE C 19 -1.00 15.94 -0.48
CA ILE C 19 -1.99 15.00 0.05
C ILE C 19 -1.91 14.95 1.55
N SER C 20 -2.97 15.38 2.23
CA SER C 20 -3.02 15.26 3.67
C SER C 20 -3.63 13.93 4.07
N CYS C 21 -3.13 13.35 5.15
CA CYS C 21 -3.80 12.27 5.85
C CYS C 21 -3.86 12.66 7.31
N THR C 22 -5.05 12.95 7.83
CA THR C 22 -5.12 13.42 9.21
C THR C 22 -5.35 12.26 10.14
N GLY C 23 -5.60 12.56 11.41
CA GLY C 23 -5.83 11.50 12.38
C GLY C 23 -5.90 12.04 13.80
N SER C 24 -6.24 11.17 14.73
CA SER C 24 -6.33 11.56 16.13
C SER C 24 -4.97 11.54 16.79
N SER C 25 -4.92 11.95 18.05
CA SER C 25 -3.70 11.91 18.81
C SER C 25 -3.45 10.50 19.29
N SER C 26 -4.46 9.66 19.12
CA SER C 26 -4.37 8.25 19.45
C SER C 26 -3.35 7.56 18.56
N ASN C 27 -3.49 7.70 17.24
CA ASN C 27 -2.59 7.01 16.28
C ASN C 27 -1.37 7.82 15.83
N ILE C 28 -1.55 8.98 15.20
CA ILE C 28 -0.37 9.69 14.72
C ILE C 28 0.19 10.60 15.80
N GLY C 29 -0.54 10.71 16.92
CA GLY C 29 -0.10 11.45 18.09
C GLY C 29 0.57 10.48 19.04
N ALA C 30 1.05 9.40 18.45
CA ALA C 30 1.59 8.22 19.10
C ALA C 30 3.02 8.07 18.66
N GLY C 31 3.22 8.22 17.36
CA GLY C 31 4.54 8.15 16.75
C GLY C 31 4.73 7.01 15.78
N TYR C 32 3.75 6.13 15.69
CA TYR C 32 3.74 5.08 14.69
C TYR C 32 3.88 5.74 13.32
N ASP C 33 4.55 5.07 12.39
CA ASP C 33 4.80 5.69 11.11
C ASP C 33 3.57 5.70 10.22
N VAL C 34 3.71 6.36 9.08
CA VAL C 34 2.66 6.38 8.07
C VAL C 34 3.27 5.86 6.79
N HIS C 35 2.52 5.01 6.11
CA HIS C 35 2.98 4.44 4.87
C HIS C 35 1.96 4.78 3.82
N TRP C 36 2.39 4.92 2.58
CA TRP C 36 1.46 5.23 1.50
C TRP C 36 1.48 4.17 0.42
N TYR C 37 0.41 4.11 -0.34
CA TYR C 37 0.27 3.11 -1.38
C TYR C 37 -0.33 3.71 -2.63
N GLN C 38 0.34 3.49 -3.76
CA GLN C 38 -0.16 3.93 -5.05
C GLN C 38 -0.73 2.72 -5.76
N GLN C 39 -2.05 2.71 -5.96
CA GLN C 39 -2.72 1.57 -6.54
C GLN C 39 -3.36 1.94 -7.87
N LEU C 40 -2.81 1.42 -8.95
CA LEU C 40 -3.33 1.75 -10.26
C LEU C 40 -4.73 1.20 -10.40
N PRO C 41 -5.58 1.89 -11.16
CA PRO C 41 -7.03 1.66 -11.29
C PRO C 41 -7.38 0.32 -11.92
N GLY C 42 -7.68 -0.65 -11.07
CA GLY C 42 -7.79 -2.06 -11.43
C GLY C 42 -6.49 -2.82 -11.34
N THR C 43 -5.77 -2.58 -10.25
CA THR C 43 -4.56 -3.30 -9.98
C THR C 43 -4.35 -3.37 -8.48
N ALA C 44 -3.44 -4.23 -8.05
CA ALA C 44 -3.10 -4.30 -6.66
C ALA C 44 -2.52 -2.97 -6.19
N PRO C 45 -2.54 -2.73 -4.88
CA PRO C 45 -1.73 -1.63 -4.35
C PRO C 45 -0.24 -1.89 -4.52
N LYS C 46 0.50 -0.83 -4.78
CA LYS C 46 1.96 -0.86 -4.75
C LYS C 46 2.43 0.00 -3.58
N LEU C 47 3.36 -0.54 -2.79
CA LEU C 47 3.94 0.23 -1.69
C LEU C 47 4.57 1.48 -2.25
N LEU C 48 4.17 2.63 -1.74
CA LEU C 48 4.61 3.92 -2.27
C LEU C 48 5.67 4.53 -1.39
N ILE C 49 5.27 4.84 -0.15
CA ILE C 49 6.13 5.40 0.88
C ILE C 49 6.17 4.41 2.03
N TYR C 50 7.21 4.44 2.83
CA TYR C 50 7.20 3.72 4.10
C TYR C 50 8.02 4.49 5.11
N GLY C 51 7.66 4.40 6.39
CA GLY C 51 8.42 5.09 7.42
C GLY C 51 8.35 6.58 7.23
N ASN C 52 7.23 6.99 6.67
CA ASN C 52 6.79 8.36 6.45
C ASN C 52 7.54 9.13 5.41
N SER C 53 8.85 8.89 5.29
CA SER C 53 9.61 9.62 4.29
C SER C 53 10.25 8.78 3.19
N ASN C 54 10.21 7.48 3.32
CA ASN C 54 11.03 6.63 2.45
C ASN C 54 10.25 5.89 1.39
N ARG C 55 10.90 5.67 0.25
CA ARG C 55 10.30 4.99 -0.89
C ARG C 55 11.07 3.73 -1.25
N PRO C 56 10.35 2.69 -1.64
CA PRO C 56 11.08 1.57 -2.24
C PRO C 56 11.54 1.92 -3.67
N SER C 57 12.21 0.98 -4.32
CA SER C 57 12.72 1.25 -5.64
C SER C 57 11.56 1.20 -6.62
N GLY C 58 11.83 1.54 -7.88
CA GLY C 58 10.80 1.61 -8.89
C GLY C 58 9.87 2.80 -8.67
N VAL C 59 10.07 3.47 -7.54
CA VAL C 59 9.35 4.69 -7.14
C VAL C 59 10.20 5.94 -7.41
N PRO C 60 9.58 6.99 -7.97
CA PRO C 60 10.23 8.28 -8.26
C PRO C 60 10.67 9.12 -7.04
N ASP C 61 11.56 10.08 -7.28
CA ASP C 61 12.02 11.02 -6.25
C ASP C 61 11.08 12.19 -6.12
N ARG C 62 10.00 12.12 -6.88
CA ARG C 62 9.03 13.19 -6.95
C ARG C 62 7.98 12.98 -5.89
N PHE C 63 8.20 11.95 -5.08
CA PHE C 63 7.27 11.58 -4.02
C PHE C 63 7.89 11.79 -2.65
N SER C 64 7.26 12.61 -1.83
CA SER C 64 7.78 12.85 -0.49
C SER C 64 6.70 12.90 0.58
N GLY C 65 6.81 12.01 1.56
CA GLY C 65 5.94 12.07 2.70
C GLY C 65 6.54 12.96 3.78
N SER C 66 5.66 13.63 4.50
CA SER C 66 6.06 14.49 5.61
C SER C 66 5.09 14.28 6.74
N LYS C 67 5.58 13.90 7.92
CA LYS C 67 4.68 13.56 9.02
C LYS C 67 4.69 14.62 10.11
N SER C 68 3.52 15.17 10.40
CA SER C 68 3.42 16.28 11.33
C SER C 68 2.32 16.09 12.37
N GLY C 69 2.70 15.93 13.64
CA GLY C 69 1.71 15.77 14.70
C GLY C 69 0.70 14.67 14.42
N THR C 70 -0.57 15.04 14.51
CA THR C 70 -1.68 14.14 14.27
C THR C 70 -2.02 14.03 12.79
N SER C 71 -1.23 14.68 11.96
CA SER C 71 -1.44 14.63 10.52
C SER C 71 -0.21 14.14 9.81
N ALA C 72 -0.34 13.97 8.50
CA ALA C 72 0.76 13.58 7.63
C ALA C 72 0.45 13.95 6.18
N SER C 73 1.48 14.08 5.36
CA SER C 73 1.28 14.66 4.04
C SER C 73 2.07 14.01 2.93
N LEU C 74 1.41 13.77 1.81
CA LEU C 74 2.06 13.24 0.61
C LEU C 74 2.14 14.34 -0.44
N ALA C 75 3.35 14.60 -0.90
CA ALA C 75 3.51 15.65 -1.89
C ALA C 75 4.13 15.09 -3.13
N ILE C 76 3.82 15.71 -4.27
CA ILE C 76 4.38 15.30 -5.54
C ILE C 76 4.82 16.51 -6.38
N THR C 77 6.08 16.50 -6.81
CA THR C 77 6.65 17.57 -7.63
C THR C 77 6.96 17.03 -9.02
N GLY C 78 6.97 17.88 -10.05
CA GLY C 78 7.26 17.40 -11.40
C GLY C 78 6.27 16.35 -11.87
N LEU C 79 4.99 16.69 -11.88
CA LEU C 79 3.91 15.74 -12.15
C LEU C 79 4.01 14.98 -13.48
N GLN C 80 3.45 13.77 -13.52
CA GLN C 80 3.36 13.03 -14.77
C GLN C 80 2.02 12.30 -14.92
N ALA C 81 1.74 11.87 -16.14
CA ALA C 81 0.45 11.24 -16.47
C ALA C 81 0.49 9.78 -16.07
N GLU C 82 1.63 9.36 -15.56
CA GLU C 82 1.82 8.02 -15.05
C GLU C 82 1.47 7.96 -13.56
N ASP C 83 1.20 9.11 -12.97
CA ASP C 83 1.07 9.18 -11.53
C ASP C 83 -0.36 9.07 -11.06
N GLU C 84 -1.26 8.82 -11.99
CA GLU C 84 -2.68 8.80 -11.66
C GLU C 84 -3.15 7.50 -11.01
N ALA C 85 -3.61 7.60 -9.77
CA ALA C 85 -4.04 6.43 -9.00
C ALA C 85 -4.83 6.81 -7.77
N ASP C 86 -5.14 5.82 -6.96
CA ASP C 86 -5.74 6.06 -5.67
C ASP C 86 -4.65 5.98 -4.62
N TYR C 87 -4.51 7.04 -3.83
CA TYR C 87 -3.46 7.11 -2.81
C TYR C 87 -4.04 6.97 -1.42
N TYR C 88 -3.66 5.89 -0.77
CA TYR C 88 -4.10 5.57 0.56
C TYR C 88 -2.92 5.68 1.49
N CYS C 89 -3.18 6.08 2.73
CA CYS C 89 -2.16 6.05 3.76
C CYS C 89 -2.50 4.97 4.76
N GLN C 90 -1.50 4.26 5.23
CA GLN C 90 -1.71 3.27 6.26
C GLN C 90 -0.97 3.66 7.52
N SER C 91 -1.55 3.30 8.65
CA SER C 91 -0.91 3.44 9.95
C SER C 91 -1.53 2.47 10.92
N TYR C 92 -0.90 2.28 12.06
CA TYR C 92 -1.45 1.43 13.11
C TYR C 92 -2.09 2.21 14.24
N ASP C 93 -3.17 1.69 14.82
CA ASP C 93 -3.66 2.22 16.09
C ASP C 93 -4.11 1.13 17.06
N SER C 94 -3.44 1.04 18.21
CA SER C 94 -3.71 -0.03 19.18
C SER C 94 -3.73 -1.37 18.44
N SER C 95 -2.64 -1.61 17.73
CA SER C 95 -2.56 -2.62 16.68
C SER C 95 -3.62 -2.41 15.61
N VAL C 96 -4.20 -3.50 15.15
CA VAL C 96 -4.94 -3.56 13.91
C VAL C 96 -4.10 -2.84 12.86
N VAL C 97 -4.76 -2.20 11.91
CA VAL C 97 -4.13 -1.40 10.90
C VAL C 97 -5.19 -0.41 10.51
N VAL C 98 -4.82 0.82 10.25
CA VAL C 98 -5.81 1.76 9.79
C VAL C 98 -5.31 2.35 8.48
N PHE C 99 -6.25 2.67 7.60
CA PHE C 99 -5.94 3.13 6.26
C PHE C 99 -6.52 4.52 6.09
N GLY C 100 -6.11 5.22 5.04
CA GLY C 100 -6.84 6.42 4.67
C GLY C 100 -8.17 6.02 4.06
N GLY C 101 -8.88 6.98 3.51
CA GLY C 101 -10.07 6.68 2.75
C GLY C 101 -9.75 6.86 1.29
N GLY C 102 -8.50 7.22 1.00
CA GLY C 102 -8.00 7.31 -0.35
C GLY C 102 -8.22 8.65 -0.99
N THR C 103 -7.37 8.98 -1.95
CA THR C 103 -7.55 10.21 -2.71
C THR C 103 -7.24 10.06 -4.20
N LYS C 104 -8.22 10.41 -5.04
CA LYS C 104 -8.07 10.38 -6.48
C LYS C 104 -7.56 11.73 -6.99
N LEU C 105 -7.48 11.91 -8.31
CA LEU C 105 -6.78 13.05 -8.92
C LEU C 105 -7.58 13.76 -10.02
N GLY C 109 -4.49 18.01 -18.95
CA GLY C 109 -5.33 19.13 -18.55
C GLY C 109 -5.89 19.92 -19.72
N THR C 110 -5.29 19.72 -20.90
CA THR C 110 -5.80 20.32 -22.12
C THR C 110 -7.20 19.80 -22.42
N VAL C 111 -8.08 20.69 -22.86
CA VAL C 111 -9.43 20.31 -23.19
C VAL C 111 -9.45 19.58 -24.52
N ALA C 112 -9.97 18.36 -24.51
CA ALA C 112 -10.20 17.62 -25.73
C ALA C 112 -11.70 17.49 -25.97
N ALA C 113 -12.09 17.43 -27.24
CA ALA C 113 -13.47 17.13 -27.62
C ALA C 113 -13.56 15.65 -27.88
N PRO C 114 -14.56 14.97 -27.28
CA PRO C 114 -14.69 13.51 -27.30
C PRO C 114 -15.04 12.94 -28.65
N SER C 115 -14.30 11.96 -29.15
CA SER C 115 -14.65 11.39 -30.44
C SER C 115 -15.93 10.65 -30.21
N VAL C 116 -16.97 10.98 -30.98
CA VAL C 116 -18.29 10.40 -30.73
C VAL C 116 -18.66 9.37 -31.78
N PHE C 117 -19.38 8.35 -31.35
CA PHE C 117 -19.88 7.30 -32.22
C PHE C 117 -21.23 6.79 -31.75
N ILE C 118 -21.93 6.11 -32.64
CA ILE C 118 -23.16 5.43 -32.26
C ILE C 118 -23.25 4.05 -32.93
N PHE C 119 -23.52 3.04 -32.11
CA PHE C 119 -23.52 1.65 -32.56
C PHE C 119 -24.91 1.01 -32.55
N PRO C 120 -25.40 0.58 -33.73
CA PRO C 120 -26.71 -0.08 -33.78
C PRO C 120 -26.67 -1.40 -33.01
N PRO C 121 -27.83 -2.07 -32.90
CA PRO C 121 -27.88 -3.40 -32.28
C PRO C 121 -27.39 -4.51 -33.17
N SER C 122 -26.98 -5.59 -32.52
CA SER C 122 -26.51 -6.79 -33.21
C SER C 122 -27.69 -7.47 -33.85
N ASP C 123 -27.43 -8.60 -34.46
CA ASP C 123 -28.50 -9.44 -34.98
C ASP C 123 -28.85 -10.47 -33.93
N GLU C 124 -27.86 -11.25 -33.53
CA GLU C 124 -28.05 -12.24 -32.48
C GLU C 124 -28.79 -11.68 -31.27
N GLN C 125 -28.44 -10.48 -30.83
CA GLN C 125 -29.10 -9.90 -29.65
C GLN C 125 -30.61 -9.79 -29.82
N LEU C 126 -31.05 -9.74 -31.07
CA LEU C 126 -32.47 -9.58 -31.41
C LEU C 126 -33.27 -10.87 -31.26
N LYS C 127 -32.88 -11.91 -31.98
CA LYS C 127 -33.54 -13.22 -31.88
C LYS C 127 -33.52 -13.78 -30.46
N SER C 128 -32.59 -13.30 -29.65
CA SER C 128 -32.50 -13.75 -28.27
C SER C 128 -33.74 -13.35 -27.48
N GLY C 129 -34.11 -12.08 -27.60
CA GLY C 129 -34.81 -11.40 -26.54
C GLY C 129 -34.79 -9.92 -26.85
N THR C 130 -34.72 -9.10 -25.80
CA THR C 130 -34.74 -7.65 -25.93
C THR C 130 -33.49 -7.12 -26.64
N ALA C 131 -33.36 -5.80 -26.75
CA ALA C 131 -32.25 -5.20 -27.48
C ALA C 131 -31.73 -3.90 -26.86
N SER C 132 -30.41 -3.69 -26.93
CA SER C 132 -29.73 -2.55 -26.31
C SER C 132 -28.98 -1.69 -27.33
N VAL C 133 -28.77 -0.41 -27.03
CA VAL C 133 -28.09 0.49 -27.96
C VAL C 133 -27.01 1.30 -27.27
N VAL C 134 -25.80 1.27 -27.84
CA VAL C 134 -24.59 1.87 -27.24
C VAL C 134 -24.03 3.06 -28.00
N CYS C 135 -23.73 4.14 -27.27
CA CYS C 135 -23.13 5.36 -27.80
C CYS C 135 -21.73 5.58 -27.19
N LEU C 136 -20.74 5.89 -28.01
CA LEU C 136 -19.38 6.00 -27.49
C LEU C 136 -18.75 7.40 -27.59
N LEU C 137 -18.09 7.81 -26.51
CA LEU C 137 -17.38 9.07 -26.47
C LEU C 137 -15.95 8.80 -26.07
N ASN C 138 -15.02 9.06 -26.97
CA ASN C 138 -13.65 8.72 -26.66
C ASN C 138 -12.73 9.90 -26.29
N ASN C 139 -12.08 9.77 -25.15
CA ASN C 139 -10.88 10.54 -24.82
C ASN C 139 -11.00 12.05 -24.84
N PHE C 140 -11.70 12.55 -23.85
CA PHE C 140 -11.96 13.96 -23.67
C PHE C 140 -11.42 14.45 -22.33
N TYR C 141 -11.28 15.77 -22.21
CA TYR C 141 -11.15 16.40 -20.91
C TYR C 141 -11.96 17.68 -21.00
N PRO C 142 -12.69 18.06 -19.93
CA PRO C 142 -12.81 17.54 -18.57
C PRO C 142 -13.82 16.40 -18.33
N ARG C 143 -14.05 16.13 -17.04
CA ARG C 143 -14.89 15.05 -16.53
C ARG C 143 -16.41 15.33 -16.51
N GLU C 144 -16.81 16.54 -16.12
CA GLU C 144 -18.22 16.95 -16.15
C GLU C 144 -18.72 16.89 -17.59
N ALA C 145 -19.87 16.28 -17.84
CA ALA C 145 -20.44 16.18 -19.21
C ALA C 145 -21.88 15.63 -19.27
N LYS C 146 -22.46 15.57 -20.49
CA LYS C 146 -23.82 15.06 -20.69
C LYS C 146 -24.13 14.42 -22.08
N VAL C 147 -24.96 13.36 -22.08
CA VAL C 147 -25.43 12.68 -23.29
C VAL C 147 -26.96 12.58 -23.45
N GLN C 148 -27.43 12.82 -24.67
CA GLN C 148 -28.86 12.83 -24.97
C GLN C 148 -29.27 11.72 -25.94
N TRP C 149 -30.30 10.96 -25.58
CA TRP C 149 -30.88 9.98 -26.50
C TRP C 149 -32.16 10.53 -27.10
N LYS C 150 -32.09 10.93 -28.37
CA LYS C 150 -33.22 11.56 -29.03
C LYS C 150 -33.83 10.62 -30.05
N VAL C 151 -35.00 10.08 -29.76
CA VAL C 151 -35.68 9.25 -30.73
C VAL C 151 -36.74 10.08 -31.41
N ASP C 152 -36.48 10.45 -32.65
CA ASP C 152 -37.36 11.33 -33.41
C ASP C 152 -37.63 12.61 -32.62
N ASN C 153 -36.55 13.10 -31.97
CA ASN C 153 -36.52 14.28 -31.09
C ASN C 153 -37.03 13.99 -29.67
N ALA C 154 -37.62 12.82 -29.46
CA ALA C 154 -38.14 12.49 -28.15
C ALA C 154 -37.01 12.14 -27.21
N LEU C 155 -36.89 12.90 -26.14
CA LEU C 155 -35.78 12.64 -25.23
C LEU C 155 -36.15 11.46 -24.37
N GLN C 156 -35.40 10.37 -24.54
CA GLN C 156 -35.82 9.13 -23.94
C GLN C 156 -35.20 8.99 -22.57
N SER C 157 -36.07 9.02 -21.56
CA SER C 157 -35.63 8.86 -20.19
C SER C 157 -36.13 7.53 -19.63
N GLY C 158 -35.30 6.94 -18.77
CA GLY C 158 -35.60 5.69 -18.12
C GLY C 158 -34.86 4.50 -18.68
N ASN C 159 -34.36 4.64 -19.91
CA ASN C 159 -33.84 3.48 -20.63
C ASN C 159 -32.32 3.25 -20.67
N SER C 160 -31.52 4.05 -19.97
CA SER C 160 -30.07 3.84 -20.09
C SER C 160 -29.32 3.93 -18.79
N GLN C 161 -28.24 3.15 -18.72
CA GLN C 161 -27.23 3.27 -17.68
C GLN C 161 -25.92 3.54 -18.41
N GLU C 162 -25.02 4.30 -17.80
CA GLU C 162 -23.77 4.63 -18.50
C GLU C 162 -22.54 4.52 -17.60
N SER C 163 -21.50 3.91 -18.14
CA SER C 163 -20.27 3.71 -17.39
C SER C 163 -19.18 4.57 -17.97
N VAL C 164 -18.27 4.99 -17.12
CA VAL C 164 -17.24 5.92 -17.54
C VAL C 164 -15.89 5.40 -17.08
N THR C 165 -14.91 5.48 -17.98
CA THR C 165 -13.60 4.90 -17.78
C THR C 165 -12.72 5.81 -16.98
N GLU C 166 -11.99 5.24 -16.04
CA GLU C 166 -11.13 6.04 -15.18
C GLU C 166 -10.06 6.68 -16.06
N GLN C 167 -9.57 7.84 -15.64
CA GLN C 167 -8.73 8.66 -16.51
C GLN C 167 -7.57 7.87 -17.07
N ASP C 168 -7.41 7.95 -18.38
CA ASP C 168 -6.44 7.11 -19.04
C ASP C 168 -5.05 7.54 -18.61
N SER C 169 -4.13 6.58 -18.60
CA SER C 169 -2.77 6.84 -18.14
C SER C 169 -2.09 7.94 -18.91
N LYS C 170 -1.68 7.64 -20.14
CA LYS C 170 -0.72 8.50 -20.79
C LYS C 170 -1.29 9.72 -21.50
N ASP C 171 -2.50 9.65 -22.03
CA ASP C 171 -3.15 10.85 -22.55
C ASP C 171 -3.83 11.65 -21.44
N SER C 172 -4.19 10.94 -20.37
CA SER C 172 -4.98 11.47 -19.25
C SER C 172 -6.40 11.91 -19.65
N THR C 173 -7.12 11.05 -20.38
CA THR C 173 -8.46 11.39 -20.87
C THR C 173 -9.49 10.28 -20.67
N TYR C 174 -10.65 10.67 -20.15
CA TYR C 174 -11.75 9.76 -19.87
C TYR C 174 -12.45 9.35 -21.15
N SER C 175 -13.19 8.24 -21.08
CA SER C 175 -14.13 7.84 -22.14
C SER C 175 -15.38 7.22 -21.51
N LEU C 176 -16.52 7.41 -22.16
CA LEU C 176 -17.81 7.02 -21.61
C LEU C 176 -18.65 6.25 -22.60
N SER C 177 -19.18 5.12 -22.16
CA SER C 177 -20.16 4.37 -22.95
C SER C 177 -21.53 4.50 -22.32
N SER C 178 -22.48 4.97 -23.12
CA SER C 178 -23.86 5.04 -22.68
C SER C 178 -24.67 3.94 -23.36
N THR C 179 -25.26 3.05 -22.57
CA THR C 179 -25.98 1.90 -23.11
C THR C 179 -27.50 2.01 -22.94
N LEU C 180 -28.23 2.18 -24.03
CA LEU C 180 -29.67 2.34 -23.90
C LEU C 180 -30.44 1.04 -24.08
N THR C 181 -30.96 0.51 -22.97
CA THR C 181 -31.52 -0.83 -22.98
C THR C 181 -33.04 -0.77 -23.11
N LEU C 182 -33.54 -1.50 -24.12
CA LEU C 182 -34.95 -1.43 -24.49
C LEU C 182 -35.59 -2.81 -24.60
N SER C 183 -36.85 -2.84 -25.02
CA SER C 183 -37.53 -4.08 -25.39
C SER C 183 -37.73 -4.06 -26.91
N LYS C 184 -37.19 -5.07 -27.58
CA LYS C 184 -37.20 -5.10 -29.04
C LYS C 184 -38.54 -4.76 -29.67
N ALA C 185 -39.61 -5.31 -29.10
CA ALA C 185 -40.96 -4.98 -29.56
C ALA C 185 -41.20 -3.49 -29.42
N ASP C 186 -40.91 -2.96 -28.23
CA ASP C 186 -41.10 -1.55 -27.96
C ASP C 186 -39.99 -0.77 -28.65
N TYR C 187 -39.05 -1.52 -29.23
CA TYR C 187 -37.95 -0.95 -30.00
C TYR C 187 -38.36 -0.63 -31.43
N GLU C 188 -38.76 -1.61 -32.21
CA GLU C 188 -39.01 -1.25 -33.57
C GLU C 188 -40.43 -0.74 -33.67
N LYS C 189 -40.55 0.57 -33.79
CA LYS C 189 -41.74 1.26 -34.25
C LYS C 189 -41.26 2.35 -35.21
N HIS C 190 -40.47 3.25 -34.65
CA HIS C 190 -39.93 4.39 -35.35
C HIS C 190 -38.56 4.08 -35.96
N LYS C 191 -37.92 5.10 -36.52
CA LYS C 191 -36.78 4.92 -37.41
C LYS C 191 -35.51 5.55 -36.89
N VAL C 192 -35.57 6.86 -36.67
CA VAL C 192 -34.43 7.66 -36.22
C VAL C 192 -34.08 7.46 -34.74
N TYR C 193 -32.82 7.13 -34.49
CA TYR C 193 -32.30 6.99 -33.12
C TYR C 193 -30.97 7.71 -32.93
N ALA C 194 -30.94 8.75 -32.10
CA ALA C 194 -29.78 9.65 -32.04
C ALA C 194 -28.98 9.67 -30.74
N CYS C 195 -27.85 10.37 -30.78
CA CYS C 195 -27.01 10.65 -29.62
C CYS C 195 -26.49 12.08 -29.77
N GLU C 196 -26.80 12.95 -28.81
CA GLU C 196 -26.39 14.36 -28.91
C GLU C 196 -25.49 14.72 -27.74
N VAL C 197 -24.30 15.20 -28.05
CA VAL C 197 -23.26 15.39 -27.05
C VAL C 197 -22.74 16.81 -26.92
N THR C 198 -22.83 17.37 -25.72
CA THR C 198 -22.35 18.73 -25.45
C THR C 198 -21.15 18.71 -24.52
N HIS C 199 -19.99 19.06 -25.06
CA HIS C 199 -18.77 19.07 -24.26
C HIS C 199 -18.39 20.51 -23.87
N GLN C 200 -17.23 20.68 -23.25
CA GLN C 200 -16.71 22.01 -23.01
C GLN C 200 -16.22 22.55 -24.34
N GLY C 201 -15.22 21.90 -24.94
CA GLY C 201 -14.98 22.16 -26.34
C GLY C 201 -16.21 21.58 -26.99
N LEU C 202 -17.00 22.47 -27.58
CA LEU C 202 -18.29 22.12 -28.14
C LEU C 202 -18.46 22.80 -29.48
N SER C 203 -18.44 24.13 -29.42
CA SER C 203 -18.92 25.03 -30.46
C SER C 203 -20.42 24.84 -30.61
N SER C 204 -20.87 24.68 -31.85
CA SER C 204 -22.25 24.29 -32.12
C SER C 204 -22.35 22.76 -31.96
N PRO C 205 -23.24 22.29 -31.05
CA PRO C 205 -23.31 20.93 -30.50
C PRO C 205 -23.40 19.80 -31.53
N VAL C 206 -23.09 18.58 -31.09
CA VAL C 206 -22.93 17.44 -32.00
C VAL C 206 -23.91 16.31 -31.70
N THR C 207 -24.54 15.82 -32.77
CA THR C 207 -25.57 14.79 -32.68
C THR C 207 -25.35 13.71 -33.75
N LYS C 208 -25.03 12.48 -33.33
CA LYS C 208 -24.77 11.41 -34.29
C LYS C 208 -25.82 10.31 -34.17
N SER C 209 -26.37 9.86 -35.30
CA SER C 209 -27.51 8.92 -35.29
C SER C 209 -27.56 7.93 -36.45
N PHE C 210 -28.63 7.15 -36.51
CA PHE C 210 -28.83 6.23 -37.62
C PHE C 210 -30.29 5.79 -37.78
N ASN C 211 -30.59 5.22 -38.95
CA ASN C 211 -31.91 4.66 -39.29
C ASN C 211 -31.92 3.14 -39.39
N ARG C 212 -33.06 2.53 -39.03
CA ARG C 212 -33.22 1.09 -39.23
C ARG C 212 -33.11 0.70 -40.70
#